data_3I4V
#
_entry.id   3I4V
#
_cell.length_a   90.655
_cell.length_b   37.886
_cell.length_c   75.260
_cell.angle_alpha   90.00
_cell.angle_beta   95.31
_cell.angle_gamma   90.00
#
_symmetry.space_group_name_H-M   'C 1 2 1'
#
loop_
_entity.id
_entity.type
_entity.pdbx_description
1 polymer 'Catechol 1,2-dioxygenase'
2 non-polymer 'FE (III) ION'
3 non-polymer 3-chlorobenzene-1,2-diol
4 non-polymer '(4S,7R)-4-HYDROXY-N,N,N-TRIMETHYL-9-OXO-7-[(PALMITOYLOXY)METHYL]-3,5,8-TRIOXA-4-PHOSPHAHEXACOSAN-1-AMINIUM 4-OXIDE'
5 water water
#
_entity_poly.entity_id   1
_entity_poly.type   'polypeptide(L)'
_entity_poly.pdbx_seq_one_letter_code
;MTTTESPTAAGSGSAATDKFKAERATADTSPERLAAIAKDALGALNDVILKHGVTYPEYRVFKQWLIDVGEGGEWPLFLD
VFIEHSVEEVLARSRKGTMGSIEGPYYIENSPELPSKCTLPMREEDEKITPLVFSGQVTDLDGNGLAGAKVELWHADNDG
YYSQFAPHLPEWNLRGTIIADEEGRYEITTIQPAPYQIPTDGPTGQFIEAQNGHPWRPAHLHLIVSAPGKESVTTQLYFK
GGEWIDSDVASATKPELILDPKTGDDGKNYVTYNFVLDPA
;
_entity_poly.pdbx_strand_id   A
#
loop_
_chem_comp.id
_chem_comp.type
_chem_comp.name
_chem_comp.formula
3CE non-polymer 3-chlorobenzene-1,2-diol 'C6 H5 Cl O2'
6PL non-polymer '(4S,7R)-4-HYDROXY-N,N,N-TRIMETHYL-9-OXO-7-[(PALMITOYLOXY)METHYL]-3,5,8-TRIOXA-4-PHOSPHAHEXACOSAN-1-AMINIUM 4-OXIDE' 'C42 H85 N O8 P 1'
FE non-polymer 'FE (III) ION' 'Fe 3'
#
# COMPACT_ATOMS: atom_id res chain seq x y z
N ALA A 25 14.68 -12.56 -8.41
CA ALA A 25 14.49 -12.30 -6.94
C ALA A 25 15.19 -13.35 -6.08
N THR A 26 16.14 -12.89 -5.25
CA THR A 26 16.97 -13.75 -4.38
C THR A 26 17.08 -13.20 -2.95
N ALA A 27 17.09 -14.08 -1.96
CA ALA A 27 17.11 -13.65 -0.54
C ALA A 27 18.51 -13.49 0.07
N ASP A 28 19.39 -14.48 -0.16
CA ASP A 28 20.71 -14.54 0.48
C ASP A 28 20.49 -14.91 1.96
N THR A 29 19.88 -16.09 2.11
CA THR A 29 19.50 -16.75 3.36
C THR A 29 20.28 -18.08 3.37
N SER A 30 20.54 -18.64 4.55
CA SER A 30 21.23 -19.92 4.62
C SER A 30 20.26 -21.12 4.69
N PRO A 31 20.74 -22.35 4.41
CA PRO A 31 19.89 -23.53 4.56
C PRO A 31 19.45 -23.79 5.98
N GLU A 32 20.24 -23.30 6.94
CA GLU A 32 19.99 -23.48 8.38
C GLU A 32 18.75 -22.69 8.79
N ARG A 33 18.71 -21.44 8.32
CA ARG A 33 17.63 -20.52 8.65
C ARG A 33 16.35 -20.95 7.94
N LEU A 34 16.44 -21.30 6.65
CA LEU A 34 15.26 -21.77 5.90
C LEU A 34 14.63 -22.99 6.57
N ALA A 35 15.46 -23.96 6.95
CA ALA A 35 15.06 -25.20 7.61
C ALA A 35 14.27 -24.94 8.86
N ALA A 36 14.81 -24.07 9.73
CA ALA A 36 14.08 -23.65 10.92
C ALA A 36 12.77 -22.96 10.53
N ILE A 37 12.80 -22.12 9.48
CA ILE A 37 11.58 -21.40 9.06
C ILE A 37 10.49 -22.41 8.65
N ALA A 38 10.84 -23.31 7.74
CA ALA A 38 9.86 -24.27 7.18
C ALA A 38 9.35 -25.27 8.20
N LYS A 39 10.23 -25.74 9.07
CA LYS A 39 9.81 -26.61 10.17
C LYS A 39 8.64 -25.98 10.95
N ASP A 40 8.80 -24.76 11.48
CA ASP A 40 7.64 -24.26 12.25
C ASP A 40 6.48 -23.72 11.43
N ALA A 41 6.73 -23.26 10.21
CA ALA A 41 5.62 -22.96 9.29
C ALA A 41 4.80 -24.22 8.99
N LEU A 42 5.47 -25.33 8.65
CA LEU A 42 4.77 -26.59 8.37
C LEU A 42 4.19 -27.17 9.65
N GLY A 43 4.96 -27.09 10.74
CA GLY A 43 4.49 -27.53 12.05
C GLY A 43 3.22 -26.80 12.45
N ALA A 44 3.21 -25.50 12.20
CA ALA A 44 2.08 -24.61 12.52
C ALA A 44 0.79 -25.05 11.82
N LEU A 45 0.88 -25.21 10.50
CA LEU A 45 -0.26 -25.59 9.69
C LEU A 45 -0.74 -26.97 10.07
N ASN A 46 0.18 -27.94 10.01
CA ASN A 46 -0.12 -29.30 10.45
C ASN A 46 -0.78 -29.31 11.84
N ASP A 47 -0.34 -28.39 12.71
CA ASP A 47 -0.99 -28.15 14.01
C ASP A 47 -2.42 -27.58 13.97
N VAL A 48 -2.74 -26.70 13.01
CA VAL A 48 -4.14 -26.21 12.80
C VAL A 48 -5.10 -27.31 12.28
N ILE A 49 -4.61 -28.13 11.34
CA ILE A 49 -5.35 -29.33 10.87
C ILE A 49 -5.70 -30.27 12.03
N LEU A 50 -4.71 -30.63 12.85
CA LEU A 50 -4.99 -31.46 14.03
C LEU A 50 -5.96 -30.83 15.02
N LYS A 51 -5.75 -29.55 15.30
CA LYS A 51 -6.59 -28.83 16.27
C LYS A 51 -8.05 -28.75 15.84
N HIS A 52 -8.28 -28.50 14.55
CA HIS A 52 -9.67 -28.35 14.08
C HIS A 52 -10.31 -29.63 13.49
N GLY A 53 -9.54 -30.69 13.34
CA GLY A 53 -10.07 -31.95 12.80
C GLY A 53 -10.44 -31.78 11.31
N VAL A 54 -9.54 -31.17 10.54
CA VAL A 54 -9.82 -30.94 9.10
C VAL A 54 -10.02 -32.27 8.38
N THR A 55 -11.17 -32.41 7.71
CA THR A 55 -11.53 -33.65 7.02
C THR A 55 -10.86 -33.79 5.66
N TYR A 56 -11.17 -34.92 5.00
CA TYR A 56 -10.74 -35.17 3.64
C TYR A 56 -11.56 -34.44 2.57
N PRO A 57 -12.87 -34.25 2.78
CA PRO A 57 -13.55 -33.37 1.82
C PRO A 57 -12.94 -31.93 1.84
N GLU A 58 -12.67 -31.43 3.04
CA GLU A 58 -12.00 -30.14 3.30
C GLU A 58 -10.62 -30.00 2.66
N TYR A 59 -9.77 -31.01 2.82
CA TYR A 59 -8.45 -31.07 2.17
C TYR A 59 -8.42 -30.95 0.63
N ARG A 60 -9.34 -31.65 -0.04
CA ARG A 60 -9.53 -31.60 -1.50
C ARG A 60 -9.85 -30.17 -1.93
N VAL A 61 -10.86 -29.58 -1.28
CA VAL A 61 -11.23 -28.17 -1.51
C VAL A 61 -10.00 -27.24 -1.41
N PHE A 62 -9.28 -27.38 -0.31
CA PHE A 62 -8.09 -26.58 -0.07
C PHE A 62 -7.11 -26.71 -1.22
N LYS A 63 -6.78 -27.94 -1.59
CA LYS A 63 -5.82 -28.19 -2.68
C LYS A 63 -6.31 -27.56 -3.98
N GLN A 64 -7.60 -27.70 -4.26
CA GLN A 64 -8.18 -27.18 -5.49
C GLN A 64 -8.12 -25.65 -5.55
N TRP A 65 -8.21 -25.02 -4.37
CA TRP A 65 -8.19 -23.57 -4.23
C TRP A 65 -6.77 -23.06 -4.45
N LEU A 66 -5.77 -23.76 -3.95
CA LEU A 66 -4.35 -23.36 -4.22
C LEU A 66 -4.05 -23.37 -5.72
N ILE A 67 -4.46 -24.43 -6.44
CA ILE A 67 -4.32 -24.42 -7.94
C ILE A 67 -4.97 -23.18 -8.62
N ASP A 68 -6.25 -22.96 -8.35
CA ASP A 68 -6.97 -21.73 -8.77
C ASP A 68 -6.24 -20.39 -8.43
N VAL A 69 -5.70 -20.25 -7.23
CA VAL A 69 -5.00 -18.98 -6.92
C VAL A 69 -3.95 -18.68 -7.98
N GLY A 70 -3.07 -19.67 -8.19
CA GLY A 70 -2.10 -19.70 -9.25
C GLY A 70 -2.70 -19.45 -10.62
N GLU A 71 -3.82 -20.14 -10.93
CA GLU A 71 -4.37 -20.11 -12.29
C GLU A 71 -5.10 -18.80 -12.54
N GLY A 72 -5.64 -18.22 -11.47
CA GLY A 72 -6.21 -16.86 -11.52
C GLY A 72 -5.16 -15.77 -11.41
N GLY A 73 -3.88 -16.15 -11.33
CA GLY A 73 -2.80 -15.16 -11.08
C GLY A 73 -3.00 -14.29 -9.82
N GLU A 74 -3.66 -14.82 -8.79
CA GLU A 74 -3.95 -14.03 -7.58
C GLU A 74 -2.97 -14.19 -6.41
N TRP A 75 -1.75 -14.62 -6.73
CA TRP A 75 -0.79 -14.83 -5.66
C TRP A 75 -0.29 -13.52 -5.01
N PRO A 76 0.17 -12.50 -5.80
CA PRO A 76 0.52 -11.18 -5.16
C PRO A 76 -0.67 -10.48 -4.43
N LEU A 77 -1.85 -10.51 -5.01
CA LEU A 77 -3.06 -10.11 -4.27
C LEU A 77 -3.18 -10.83 -2.89
N PHE A 78 -3.20 -12.15 -2.88
CA PHE A 78 -3.64 -12.89 -1.69
C PHE A 78 -2.68 -12.66 -0.60
N LEU A 79 -1.40 -12.69 -0.98
CA LEU A 79 -0.29 -12.55 -0.06
C LEU A 79 -0.18 -11.15 0.44
N ASP A 80 -0.44 -10.18 -0.43
CA ASP A 80 -0.30 -8.80 -0.05
C ASP A 80 -1.37 -8.37 0.93
N VAL A 81 -2.59 -8.87 0.71
CA VAL A 81 -3.68 -8.65 1.62
C VAL A 81 -3.33 -9.39 2.93
N PHE A 82 -3.10 -10.70 2.86
CA PHE A 82 -3.05 -11.54 4.07
C PHE A 82 -1.72 -11.79 4.75
N ILE A 83 -0.60 -11.43 4.11
CA ILE A 83 0.70 -11.79 4.66
C ILE A 83 1.74 -10.65 4.85
N GLU A 84 1.83 -9.76 3.85
CA GLU A 84 2.81 -8.63 3.85
C GLU A 84 2.79 -7.76 5.14
N HIS A 85 1.68 -7.75 5.87
CA HIS A 85 1.67 -6.92 7.10
C HIS A 85 2.73 -7.32 8.12
N SER A 86 3.14 -8.58 8.14
CA SER A 86 4.08 -9.05 9.17
C SER A 86 5.52 -8.74 8.75
N VAL A 87 5.78 -8.85 7.46
CA VAL A 87 7.03 -8.48 6.83
C VAL A 87 7.40 -7.00 7.11
N GLU A 88 6.46 -6.07 6.89
CA GLU A 88 6.62 -4.67 7.27
C GLU A 88 6.65 -4.56 8.80
N GLU A 89 5.83 -5.30 9.55
CA GLU A 89 5.93 -5.23 11.04
C GLU A 89 7.33 -5.58 11.53
N VAL A 90 8.05 -6.38 10.75
CA VAL A 90 9.42 -6.81 11.09
C VAL A 90 10.42 -5.67 10.79
N LEU A 91 10.42 -5.21 9.55
CA LEU A 91 11.15 -4.04 9.12
C LEU A 91 10.85 -2.83 10.02
N ALA A 92 9.59 -2.61 10.38
CA ALA A 92 9.17 -1.54 11.34
C ALA A 92 9.97 -1.46 12.68
N ARG A 93 10.48 -2.59 13.18
CA ARG A 93 11.29 -2.63 14.42
C ARG A 93 12.63 -1.93 14.21
N SER A 94 13.12 -1.93 12.98
CA SER A 94 14.47 -1.45 12.69
C SER A 94 14.62 0.06 12.42
N ARG A 95 13.51 0.77 12.31
CA ARG A 95 13.59 2.14 11.81
C ARG A 95 13.01 3.18 12.76
N LYS A 96 13.59 4.37 12.80
CA LYS A 96 13.10 5.41 13.71
C LYS A 96 12.20 6.47 13.08
N GLY A 97 12.14 6.50 11.74
CA GLY A 97 11.38 7.54 11.01
C GLY A 97 9.88 7.33 10.85
N THR A 98 9.28 7.93 9.81
CA THR A 98 7.81 7.85 9.59
C THR A 98 7.35 6.40 9.58
N MET A 99 6.11 6.13 10.03
CA MET A 99 5.58 4.76 10.06
C MET A 99 5.31 4.22 8.66
N GLY A 100 5.77 3.01 8.42
CA GLY A 100 5.63 2.39 7.13
C GLY A 100 4.35 1.59 7.06
N SER A 101 4.11 1.02 5.87
CA SER A 101 2.95 0.17 5.64
C SER A 101 3.25 -0.76 4.44
N ILE A 102 2.30 -1.62 4.09
CA ILE A 102 2.50 -2.55 2.98
C ILE A 102 2.40 -1.85 1.61
N GLU A 103 3.32 -2.23 0.71
CA GLU A 103 3.34 -1.78 -0.70
C GLU A 103 2.08 -2.13 -1.47
N GLY A 104 1.60 -3.35 -1.29
CA GLY A 104 0.47 -3.86 -2.06
C GLY A 104 0.90 -4.23 -3.46
N PRO A 105 -0.04 -4.71 -4.30
CA PRO A 105 0.35 -5.33 -5.61
C PRO A 105 0.65 -4.37 -6.78
N TYR A 106 0.51 -3.06 -6.56
CA TYR A 106 0.28 -2.13 -7.66
C TYR A 106 1.34 -1.06 -7.94
N TYR A 107 2.45 -1.14 -7.24
CA TYR A 107 3.52 -0.20 -7.45
C TYR A 107 4.09 -0.37 -8.86
N ILE A 108 4.37 0.73 -9.55
CA ILE A 108 5.15 0.67 -10.82
C ILE A 108 6.36 1.59 -10.76
N GLU A 109 7.49 1.11 -11.25
CA GLU A 109 8.74 1.86 -11.18
C GLU A 109 8.93 2.91 -12.32
N ASN A 110 9.81 3.86 -12.07
CA ASN A 110 10.06 5.00 -12.96
C ASN A 110 8.81 5.68 -13.50
N SER A 111 7.87 6.04 -12.60
CA SER A 111 6.76 6.92 -12.98
C SER A 111 7.33 8.31 -13.35
N PRO A 112 6.64 9.04 -14.26
CA PRO A 112 7.28 10.24 -14.80
C PRO A 112 7.49 11.30 -13.73
N GLU A 113 8.60 12.02 -13.84
CA GLU A 113 8.95 13.01 -12.83
C GLU A 113 8.16 14.29 -13.01
N LEU A 114 7.91 14.96 -11.88
CA LEU A 114 7.23 16.23 -11.87
C LEU A 114 8.03 17.17 -10.97
N PRO A 115 7.93 18.49 -11.19
CA PRO A 115 8.59 19.49 -10.34
C PRO A 115 8.09 19.49 -8.89
N SER A 116 8.74 20.28 -8.04
CA SER A 116 8.46 20.34 -6.60
C SER A 116 6.97 20.53 -6.29
N LYS A 117 6.33 21.50 -6.96
CA LYS A 117 4.87 21.68 -6.88
C LYS A 117 4.29 21.37 -8.25
N CYS A 118 3.26 20.51 -8.28
CA CYS A 118 2.74 19.89 -9.51
C CYS A 118 1.29 19.46 -9.34
N THR A 119 0.74 18.86 -10.39
CA THR A 119 -0.51 18.11 -10.33
C THR A 119 -0.17 16.71 -10.83
N LEU A 120 -0.93 15.73 -10.34
CA LEU A 120 -0.77 14.35 -10.75
C LEU A 120 -1.48 14.18 -12.03
N PRO A 121 -0.90 13.39 -12.95
CA PRO A 121 -1.57 13.11 -14.24
C PRO A 121 -2.91 12.50 -13.99
N MET A 122 -3.93 12.95 -14.72
CA MET A 122 -5.30 12.48 -14.52
C MET A 122 -6.13 12.84 -15.74
N ARG A 123 -7.24 12.10 -15.96
CA ARG A 123 -8.14 12.41 -17.07
C ARG A 123 -9.20 13.42 -16.68
N GLU A 124 -9.97 13.87 -17.67
CA GLU A 124 -11.17 14.69 -17.48
C GLU A 124 -12.19 14.09 -16.50
N GLU A 125 -12.40 12.76 -16.58
CA GLU A 125 -13.21 12.02 -15.61
C GLU A 125 -12.72 12.25 -14.19
N ASP A 126 -11.41 12.41 -14.00
CA ASP A 126 -10.86 12.66 -12.66
C ASP A 126 -11.11 14.09 -12.17
N GLU A 127 -11.29 15.01 -13.12
CA GLU A 127 -11.39 16.45 -12.82
C GLU A 127 -12.72 16.80 -12.17
N LYS A 128 -13.64 15.84 -12.18
CA LYS A 128 -14.98 15.99 -11.65
C LYS A 128 -15.01 15.86 -10.12
N ILE A 129 -13.95 15.27 -9.54
CA ILE A 129 -13.92 14.86 -8.13
C ILE A 129 -13.25 15.88 -7.21
N THR A 130 -13.74 15.96 -5.97
CA THR A 130 -13.19 16.88 -4.99
C THR A 130 -11.64 16.74 -4.96
N PRO A 131 -10.92 17.85 -5.17
CA PRO A 131 -9.45 17.80 -5.15
C PRO A 131 -8.84 17.65 -3.78
N LEU A 132 -7.64 17.04 -3.73
CA LEU A 132 -6.83 16.95 -2.50
C LEU A 132 -5.48 17.63 -2.75
N VAL A 133 -5.08 18.55 -1.86
CA VAL A 133 -3.79 19.25 -1.92
C VAL A 133 -2.93 18.83 -0.72
N PHE A 134 -1.79 18.20 -1.04
CA PHE A 134 -0.98 17.43 -0.10
C PHE A 134 0.40 18.10 0.00
N SER A 135 0.70 18.68 1.15
CA SER A 135 1.92 19.46 1.34
C SER A 135 2.77 18.88 2.45
N GLY A 136 4.08 19.16 2.42
CA GLY A 136 4.92 18.83 3.55
C GLY A 136 6.41 18.90 3.22
N GLN A 137 7.22 18.29 4.07
CA GLN A 137 8.67 18.36 3.96
C GLN A 137 9.26 16.97 4.21
N VAL A 138 10.29 16.61 3.45
CA VAL A 138 11.06 15.42 3.76
C VAL A 138 12.30 15.83 4.58
N THR A 139 12.38 15.33 5.81
CA THR A 139 13.44 15.71 6.74
C THR A 139 14.22 14.46 7.14
N ASP A 140 15.26 14.65 7.96
CA ASP A 140 16.01 13.54 8.54
C ASP A 140 15.54 13.31 9.97
N LEU A 141 16.24 12.47 10.72
CA LEU A 141 15.85 12.23 12.12
C LEU A 141 15.94 13.48 13.03
N ASP A 142 16.95 14.32 12.80
CA ASP A 142 17.15 15.55 13.58
C ASP A 142 16.12 16.63 13.20
N GLY A 143 15.69 16.63 11.94
CA GLY A 143 14.67 17.55 11.46
C GLY A 143 15.16 18.46 10.37
N ASN A 144 16.40 18.25 9.92
CA ASN A 144 17.01 19.04 8.84
C ASN A 144 16.43 18.77 7.43
N GLY A 145 16.38 19.81 6.58
CA GLY A 145 15.81 19.72 5.21
C GLY A 145 16.66 18.97 4.17
N LEU A 146 16.02 18.10 3.39
CA LEU A 146 16.75 17.24 2.41
C LEU A 146 16.46 17.57 0.95
N ALA A 147 17.47 18.07 0.24
CA ALA A 147 17.34 18.40 -1.17
C ALA A 147 17.55 17.17 -2.06
N GLY A 148 17.17 17.29 -3.33
CA GLY A 148 17.32 16.16 -4.25
C GLY A 148 16.65 14.91 -3.70
N ALA A 149 15.41 15.10 -3.23
CA ALA A 149 14.66 14.06 -2.50
C ALA A 149 13.36 13.78 -3.22
N LYS A 150 12.92 12.53 -3.23
CA LYS A 150 11.84 12.14 -4.12
C LYS A 150 10.64 11.56 -3.40
N VAL A 151 9.48 11.84 -3.96
CA VAL A 151 8.24 11.24 -3.47
C VAL A 151 7.63 10.53 -4.66
N GLU A 152 7.52 9.21 -4.54
CA GLU A 152 6.76 8.44 -5.51
C GLU A 152 5.38 8.22 -4.93
N LEU A 153 4.39 8.79 -5.62
CA LEU A 153 3.00 8.69 -5.25
C LEU A 153 2.33 7.79 -6.25
N TRP A 154 1.36 7.03 -5.78
CA TRP A 154 0.44 6.31 -6.64
C TRP A 154 -0.73 5.90 -5.81
N HIS A 155 -1.89 5.86 -6.44
CA HIS A 155 -3.09 5.43 -5.76
C HIS A 155 -4.17 5.22 -6.76
N ALA A 156 -5.32 4.78 -6.28
CA ALA A 156 -6.48 4.43 -7.13
C ALA A 156 -7.39 5.63 -7.49
N ASP A 157 -8.21 5.47 -8.53
CA ASP A 157 -9.23 6.48 -8.86
C ASP A 157 -10.63 6.22 -8.23
N ASN A 158 -11.48 7.25 -8.21
CA ASN A 158 -12.85 7.13 -7.72
C ASN A 158 -13.62 5.86 -8.10
N ASP A 159 -13.17 5.17 -9.14
CA ASP A 159 -13.72 3.85 -9.49
C ASP A 159 -13.14 2.65 -8.70
N GLY A 160 -12.05 2.87 -7.97
CA GLY A 160 -11.28 1.75 -7.37
C GLY A 160 -10.46 0.96 -8.40
N TYR A 161 -10.05 1.65 -9.49
CA TYR A 161 -9.08 1.13 -10.48
C TYR A 161 -7.72 1.81 -10.38
N TYR A 162 -6.67 1.03 -10.70
CA TYR A 162 -5.30 1.51 -10.81
C TYR A 162 -4.88 1.42 -12.26
N SER A 163 -4.14 2.42 -12.73
CA SER A 163 -3.66 2.41 -14.11
C SER A 163 -2.62 1.31 -14.24
N GLN A 164 -2.44 0.83 -15.48
CA GLN A 164 -1.69 -0.41 -15.75
C GLN A 164 -2.31 -1.66 -15.07
N PHE A 165 -3.51 -1.50 -14.55
CA PHE A 165 -4.25 -2.63 -13.96
C PHE A 165 -5.71 -2.53 -14.39
N ALA A 166 -5.97 -1.65 -15.35
CA ALA A 166 -7.26 -1.57 -16.07
C ALA A 166 -7.00 -0.95 -17.45
N PRO A 167 -7.30 -1.69 -18.50
CA PRO A 167 -6.95 -1.19 -19.85
C PRO A 167 -7.57 0.15 -20.29
N HIS A 168 -8.63 0.60 -19.64
CA HIS A 168 -9.27 1.86 -20.05
C HIS A 168 -8.52 3.13 -19.60
N LEU A 169 -7.55 2.99 -18.72
CA LEU A 169 -6.81 4.13 -18.15
C LEU A 169 -5.45 4.43 -18.81
N PRO A 170 -5.06 5.71 -18.92
CA PRO A 170 -3.70 6.15 -19.32
C PRO A 170 -2.60 5.71 -18.36
N GLU A 171 -1.49 5.24 -18.92
CA GLU A 171 -0.54 4.40 -18.19
C GLU A 171 0.12 5.03 -16.97
N TRP A 172 -0.01 6.35 -16.82
CA TRP A 172 0.46 7.04 -15.61
C TRP A 172 -0.61 7.79 -14.84
N ASN A 173 -1.86 7.38 -15.00
CA ASN A 173 -2.98 8.04 -14.33
C ASN A 173 -2.76 7.96 -12.79
N LEU A 174 -2.60 9.10 -12.13
CA LEU A 174 -2.48 9.14 -10.64
C LEU A 174 -1.26 8.36 -10.12
N ARG A 175 -0.17 8.44 -10.90
CA ARG A 175 1.16 7.95 -10.57
C ARG A 175 2.09 9.09 -10.93
N GLY A 176 3.14 9.30 -10.14
CA GLY A 176 4.19 10.26 -10.52
C GLY A 176 5.40 10.19 -9.61
N THR A 177 6.53 10.72 -10.09
CA THR A 177 7.72 10.93 -9.25
C THR A 177 8.03 12.43 -8.92
N ILE A 178 7.70 12.84 -7.69
CA ILE A 178 7.71 14.26 -7.34
C ILE A 178 9.10 14.70 -6.84
N ILE A 179 9.70 15.67 -7.54
CA ILE A 179 11.06 16.16 -7.22
C ILE A 179 11.08 17.33 -6.19
N ALA A 180 11.42 17.04 -4.94
CA ALA A 180 11.37 18.07 -3.87
C ALA A 180 12.52 19.09 -3.93
N ASP A 181 12.22 20.32 -3.56
CA ASP A 181 13.14 21.43 -3.84
C ASP A 181 14.30 21.55 -2.87
N GLU A 182 15.11 22.58 -3.11
CA GLU A 182 16.17 23.07 -2.22
C GLU A 182 16.10 22.52 -0.80
N GLU A 183 14.94 22.64 -0.18
CA GLU A 183 14.83 22.27 1.23
C GLU A 183 13.92 21.08 1.60
N GLY A 184 13.46 20.30 0.61
CA GLY A 184 12.74 19.04 0.85
C GLY A 184 11.21 19.13 0.90
N ARG A 185 10.73 20.33 0.63
CA ARG A 185 9.31 20.59 0.61
C ARG A 185 8.74 20.22 -0.78
N TYR A 186 7.44 19.91 -0.81
CA TYR A 186 6.73 19.49 -1.99
C TYR A 186 5.30 19.93 -1.76
N GLU A 187 4.60 20.25 -2.82
CA GLU A 187 3.17 20.52 -2.74
C GLU A 187 2.50 19.84 -3.92
N ILE A 188 1.63 18.87 -3.65
CA ILE A 188 1.11 17.97 -4.71
C ILE A 188 -0.39 17.87 -4.72
N THR A 189 -0.96 18.10 -5.91
CA THR A 189 -2.38 18.12 -6.10
C THR A 189 -2.76 16.89 -6.89
N THR A 190 -3.84 16.25 -6.43
CA THR A 190 -4.40 15.04 -7.03
C THR A 190 -5.91 15.01 -6.72
N ILE A 191 -6.56 13.86 -6.88
CA ILE A 191 -7.88 13.61 -6.25
C ILE A 191 -7.79 12.97 -4.86
N GLN A 192 -8.93 12.96 -4.19
CA GLN A 192 -9.12 12.38 -2.86
C GLN A 192 -9.66 10.94 -3.02
N PRO A 193 -8.87 9.92 -2.58
CA PRO A 193 -9.20 8.51 -2.94
C PRO A 193 -10.51 7.95 -2.36
N ALA A 194 -11.10 7.00 -3.10
CA ALA A 194 -12.30 6.30 -2.66
C ALA A 194 -11.96 4.82 -2.30
N PRO A 195 -12.63 4.26 -1.27
CA PRO A 195 -12.41 2.88 -0.78
C PRO A 195 -12.25 1.77 -1.84
N TYR A 196 -11.08 1.17 -1.86
CA TYR A 196 -10.82 0.07 -2.79
C TYR A 196 -11.43 -1.24 -2.26
N GLN A 197 -12.25 -1.83 -3.12
CA GLN A 197 -12.69 -3.21 -2.94
C GLN A 197 -11.83 -4.10 -3.82
N ILE A 198 -11.18 -5.06 -3.19
CA ILE A 198 -10.45 -6.11 -3.89
C ILE A 198 -11.40 -6.99 -4.78
N PRO A 199 -10.90 -7.52 -5.92
CA PRO A 199 -11.67 -8.42 -6.81
C PRO A 199 -12.37 -9.55 -6.05
N THR A 200 -13.60 -9.90 -6.43
CA THR A 200 -14.35 -10.96 -5.72
C THR A 200 -14.71 -12.27 -6.46
N ASP A 201 -14.96 -12.23 -7.76
CA ASP A 201 -15.34 -13.45 -8.49
C ASP A 201 -14.11 -14.27 -8.88
N GLY A 202 -13.22 -14.41 -7.90
CA GLY A 202 -12.00 -15.18 -8.02
C GLY A 202 -11.67 -15.75 -6.66
N PRO A 203 -10.66 -16.65 -6.59
CA PRO A 203 -10.31 -17.47 -5.42
C PRO A 203 -10.11 -16.72 -4.12
N THR A 204 -9.41 -15.58 -4.16
CA THR A 204 -9.21 -14.73 -2.98
C THR A 204 -10.51 -14.18 -2.40
N GLY A 205 -11.44 -13.81 -3.29
CA GLY A 205 -12.76 -13.27 -2.90
C GLY A 205 -13.78 -14.35 -2.56
N GLN A 206 -13.64 -15.52 -3.18
CA GLN A 206 -14.38 -16.72 -2.80
C GLN A 206 -13.89 -17.24 -1.43
N PHE A 207 -12.59 -17.07 -1.16
CA PHE A 207 -12.02 -17.35 0.16
C PHE A 207 -12.72 -16.49 1.24
N ILE A 208 -12.67 -15.16 1.10
CA ILE A 208 -13.35 -14.19 2.01
C ILE A 208 -14.87 -14.46 2.17
N GLU A 209 -15.57 -14.65 1.05
CA GLU A 209 -17.04 -14.85 1.01
C GLU A 209 -17.59 -16.13 1.64
N ALA A 210 -16.84 -17.23 1.52
CA ALA A 210 -17.15 -18.49 2.22
C ALA A 210 -16.94 -18.41 3.73
N GLN A 211 -16.34 -17.32 4.22
CA GLN A 211 -16.21 -17.17 5.67
C GLN A 211 -16.94 -15.94 6.19
N ASN A 212 -17.94 -15.50 5.46
CA ASN A 212 -18.69 -14.25 5.75
C ASN A 212 -17.80 -13.07 6.11
N GLY A 213 -16.75 -12.85 5.32
CA GLY A 213 -15.93 -11.64 5.53
C GLY A 213 -16.29 -10.54 4.54
N HIS A 214 -15.48 -9.49 4.53
CA HIS A 214 -15.71 -8.37 3.64
C HIS A 214 -14.43 -7.95 2.90
N PRO A 215 -14.55 -7.68 1.60
CA PRO A 215 -13.37 -7.50 0.78
C PRO A 215 -12.95 -6.05 0.68
N TRP A 216 -13.12 -5.25 1.74
CA TRP A 216 -12.87 -3.81 1.65
C TRP A 216 -11.55 -3.30 2.23
N ARG A 217 -10.90 -2.43 1.45
CA ARG A 217 -9.87 -1.54 1.96
C ARG A 217 -10.34 -0.08 2.23
N PRO A 218 -9.78 0.56 3.29
CA PRO A 218 -9.79 2.03 3.43
C PRO A 218 -9.30 2.76 2.15
N ALA A 219 -9.55 4.08 2.06
CA ALA A 219 -9.10 4.90 0.93
C ALA A 219 -7.70 5.26 1.30
N HIS A 220 -6.79 5.26 0.34
CA HIS A 220 -5.39 5.39 0.69
C HIS A 220 -4.52 5.90 -0.43
N LEU A 221 -3.47 6.61 -0.04
CA LEU A 221 -2.37 6.94 -0.95
C LEU A 221 -1.28 5.92 -0.70
N HIS A 222 -0.68 5.45 -1.77
CA HIS A 222 0.58 4.72 -1.65
C HIS A 222 1.69 5.71 -1.95
N LEU A 223 2.81 5.59 -1.22
CA LEU A 223 3.97 6.46 -1.39
C LEU A 223 5.32 5.80 -1.13
N ILE A 224 6.27 5.94 -2.04
CA ILE A 224 7.66 5.63 -1.66
C ILE A 224 8.36 6.94 -1.57
N VAL A 225 9.01 7.18 -0.43
CA VAL A 225 9.72 8.43 -0.20
C VAL A 225 11.19 8.15 0.01
N SER A 226 12.03 8.88 -0.74
CA SER A 226 13.47 8.77 -0.65
C SER A 226 14.19 10.12 -0.81
N ALA A 227 15.51 10.04 -0.77
CA ALA A 227 16.43 11.17 -0.64
C ALA A 227 17.82 10.54 -0.62
N PRO A 228 18.85 11.24 -1.15
CA PRO A 228 20.18 10.64 -1.20
C PRO A 228 20.65 10.26 0.19
N GLY A 229 21.24 9.07 0.32
CA GLY A 229 21.90 8.66 1.56
C GLY A 229 20.95 8.29 2.68
N LYS A 230 19.69 8.03 2.33
CA LYS A 230 18.66 7.62 3.28
C LYS A 230 17.99 6.31 2.92
N GLU A 231 17.74 5.51 3.94
CA GLU A 231 16.88 4.35 3.85
C GLU A 231 15.51 4.87 3.50
N SER A 232 15.09 4.60 2.27
CA SER A 232 13.73 4.89 1.83
C SER A 232 12.67 4.41 2.82
N VAL A 233 11.47 5.00 2.72
CA VAL A 233 10.29 4.43 3.40
C VAL A 233 9.19 4.21 2.39
N THR A 234 8.51 3.09 2.56
CA THR A 234 7.38 2.72 1.76
C THR A 234 6.23 2.76 2.79
N THR A 235 5.13 3.43 2.45
CA THR A 235 3.96 3.57 3.38
C THR A 235 2.62 3.93 2.75
N GLN A 236 1.63 4.16 3.58
CA GLN A 236 0.36 4.54 3.08
C GLN A 236 -0.13 5.57 4.01
N LEU A 237 -1.06 6.38 3.49
CA LEU A 237 -1.81 7.39 4.26
C LEU A 237 -3.31 7.20 4.01
N TYR A 238 -4.10 7.39 5.07
CA TYR A 238 -5.52 7.10 5.09
C TYR A 238 -6.31 8.37 5.53
N PHE A 239 -7.64 8.29 5.68
CA PHE A 239 -8.52 9.47 5.92
C PHE A 239 -9.46 9.35 7.14
N LYS A 240 -9.44 10.36 8.00
CA LYS A 240 -9.93 10.33 9.39
C LYS A 240 -11.30 9.76 9.71
N GLY A 241 -12.25 9.91 8.81
CA GLY A 241 -13.57 9.37 9.15
C GLY A 241 -13.96 8.20 8.28
N GLY A 242 -13.02 7.80 7.40
CA GLY A 242 -13.28 6.82 6.35
C GLY A 242 -13.97 5.54 6.76
N GLU A 243 -14.70 4.95 5.81
CA GLU A 243 -15.26 3.62 6.00
C GLU A 243 -14.15 2.56 5.90
N TRP A 244 -14.36 1.42 6.55
CA TRP A 244 -13.39 0.33 6.58
C TRP A 244 -12.08 0.71 7.27
N ILE A 245 -12.09 1.85 7.97
CA ILE A 245 -10.91 2.34 8.67
C ILE A 245 -10.45 1.39 9.77
N ASP A 246 -11.38 0.79 10.52
CA ASP A 246 -10.98 -0.21 11.51
C ASP A 246 -11.36 -1.65 11.17
N SER A 247 -11.35 -1.94 9.87
CA SER A 247 -11.59 -3.28 9.39
C SER A 247 -10.94 -3.44 8.02
N ASP A 248 -9.68 -3.04 7.94
CA ASP A 248 -8.95 -3.12 6.70
C ASP A 248 -8.69 -4.61 6.46
N VAL A 249 -9.15 -5.12 5.32
CA VAL A 249 -8.93 -6.52 5.01
C VAL A 249 -7.44 -6.87 4.95
N ALA A 250 -6.58 -5.89 4.63
CA ALA A 250 -5.09 -6.11 4.55
C ALA A 250 -4.40 -5.91 5.86
N SER A 251 -5.14 -5.49 6.88
CA SER A 251 -4.56 -5.19 8.20
C SER A 251 -3.40 -4.21 8.11
N ALA A 252 -3.51 -3.17 7.26
CA ALA A 252 -2.33 -2.32 6.97
C ALA A 252 -2.41 -0.87 7.46
N THR A 253 -3.46 -0.56 8.19
CA THR A 253 -3.72 0.83 8.57
C THR A 253 -3.18 1.02 9.97
N LYS A 254 -2.46 2.11 10.21
CA LYS A 254 -2.00 2.43 11.56
C LYS A 254 -2.69 3.73 12.00
N PRO A 255 -2.80 3.97 13.32
CA PRO A 255 -3.12 5.27 13.89
C PRO A 255 -2.26 6.42 13.31
N GLU A 256 -0.94 6.23 13.26
CA GLU A 256 0.01 7.26 12.84
C GLU A 256 -0.11 7.72 11.37
N LEU A 257 -0.89 7.00 10.54
CA LEU A 257 -1.00 7.31 9.10
C LEU A 257 -2.38 7.73 8.60
N ILE A 258 -3.20 8.24 9.52
CA ILE A 258 -4.54 8.71 9.20
C ILE A 258 -4.57 10.24 9.09
N LEU A 259 -4.70 10.76 7.87
CA LEU A 259 -4.82 12.20 7.62
C LEU A 259 -6.17 12.76 8.05
N ASP A 260 -6.17 14.06 8.32
CA ASP A 260 -7.37 14.78 8.74
C ASP A 260 -7.37 16.06 7.92
N PRO A 261 -7.90 15.99 6.66
CA PRO A 261 -7.89 17.10 5.69
C PRO A 261 -9.01 18.16 5.88
N LYS A 262 -8.63 19.44 5.95
CA LYS A 262 -9.58 20.56 6.08
C LYS A 262 -9.94 21.11 4.70
N THR A 263 -11.21 21.46 4.49
CA THR A 263 -11.52 22.02 3.17
C THR A 263 -11.48 23.54 3.05
N GLY A 264 -10.88 23.99 1.96
CA GLY A 264 -10.68 25.40 1.65
C GLY A 264 -11.99 26.00 1.18
N ASP A 265 -12.01 27.32 1.02
CA ASP A 265 -13.20 27.97 0.53
C ASP A 265 -13.27 27.87 -0.99
N ASP A 266 -12.14 27.52 -1.61
CA ASP A 266 -12.12 26.95 -2.98
C ASP A 266 -12.92 25.62 -3.03
N GLY A 267 -13.22 25.08 -1.84
CA GLY A 267 -13.81 23.75 -1.70
C GLY A 267 -12.87 22.54 -1.80
N LYS A 268 -11.55 22.77 -1.88
CA LYS A 268 -10.56 21.69 -1.99
C LYS A 268 -10.05 21.25 -0.64
N ASN A 269 -9.83 19.95 -0.47
CA ASN A 269 -9.36 19.39 0.81
C ASN A 269 -7.85 19.61 0.97
N TYR A 270 -7.42 19.99 2.18
CA TYR A 270 -6.04 20.42 2.41
C TYR A 270 -5.32 19.64 3.52
N VAL A 271 -4.20 18.99 3.17
CA VAL A 271 -3.36 18.29 4.16
C VAL A 271 -1.89 18.57 4.01
N THR A 272 -1.24 18.64 5.17
CA THR A 272 0.20 18.72 5.24
C THR A 272 0.69 17.43 5.88
N TYR A 273 1.83 16.91 5.43
CA TYR A 273 2.39 15.71 6.05
C TYR A 273 3.87 15.61 5.78
N ASN A 274 4.63 15.36 6.84
CA ASN A 274 6.06 15.31 6.68
C ASN A 274 6.66 13.90 6.87
N PHE A 275 7.65 13.57 6.02
CA PHE A 275 8.34 12.29 6.08
C PHE A 275 9.72 12.44 6.72
N VAL A 276 10.00 11.58 7.70
CA VAL A 276 11.27 11.57 8.46
C VAL A 276 12.09 10.34 8.03
N LEU A 277 13.23 10.56 7.36
CA LEU A 277 14.09 9.50 6.79
C LEU A 277 15.34 9.06 7.57
N ASP A 278 15.37 7.78 7.94
CA ASP A 278 16.55 7.14 8.54
C ASP A 278 17.82 7.15 7.66
N PRO A 279 19.03 7.05 8.27
CA PRO A 279 20.29 6.84 7.55
C PRO A 279 20.28 5.51 6.77
N ALA A 280 20.65 5.53 5.50
CA ALA A 280 20.65 4.32 4.63
C ALA A 280 21.45 3.14 5.17
FE FE B . -3.98 0.24 -2.93
C1 3CE C . -4.89 -2.69 -2.96
O1 3CE C . -5.25 -1.58 -3.64
CL1 3CE C . -2.44 -3.58 0.28
C2 3CE C . -3.94 -2.52 -1.85
O2 3CE C . -3.50 -1.26 -1.54
C3 3CE C . -3.55 -3.72 -1.09
C4 3CE C . -4.07 -4.97 -1.47
C5 3CE C . -4.96 -5.06 -2.54
C6 3CE C . -5.35 -3.95 -3.28
C24 6PL D . 6.73 -17.86 7.75
C23 6PL D . 6.30 -18.15 6.32
C22 6PL D . 7.13 -17.30 5.36
C21 6PL D . 8.45 -17.99 5.06
C20 6PL D . 9.15 -17.34 3.87
C19 6PL D . 10.58 -17.85 3.81
C18 6PL D . 11.26 -17.47 2.50
C17 6PL D . 12.75 -17.27 2.74
C16 6PL D . 13.56 -18.39 2.12
C15 6PL D . 14.18 -17.93 0.81
C14 6PL D . 15.65 -18.28 0.80
C13 6PL D . 15.94 -19.49 -0.09
C12 6PL D . 17.34 -19.41 -0.69
C11 6PL D . 17.34 -18.46 -1.86
O11 6PL D . 16.97 -17.29 -1.74
O3 6PL D . 17.78 -18.89 -3.16
C3 6PL D . 17.24 -18.02 -4.15
C2 6PL D . 16.39 -18.77 -5.15
C1 6PL D . 16.13 -17.86 -6.33
O3P 6PL D . 17.33 -17.78 -7.09
P 6PL D . 17.37 -19.02 -8.14
O2 6PL D . 15.12 -19.15 -4.58
C31 6PL D . 15.05 -20.56 -4.17
O31 6PL D . 15.40 -21.43 -4.92
C32 6PL D . 14.50 -20.93 -2.83
C33 6PL D . 13.06 -21.40 -2.99
C34 6PL D . 12.51 -21.85 -1.65
C35 6PL D . 12.35 -20.65 -0.73
C36 6PL D . 10.89 -20.37 -0.42
C37 6PL D . 10.21 -21.56 0.23
C38 6PL D . 9.62 -21.14 1.57
C39 6PL D . 8.63 -22.18 2.07
C40 6PL D . 8.41 -22.02 3.58
C41 6PL D . 6.94 -22.17 3.97
C42 6PL D . 6.31 -23.44 3.40
C43 6PL D . 4.81 -23.47 3.69
C44 6PL D . 4.03 -22.57 2.72
C45 6PL D . 2.54 -22.94 2.72
C46 6PL D . 2.12 -23.76 1.49
C47 6PL D . 0.65 -24.09 1.50
C48 6PL D . 0.05 -25.20 2.34
#